data_4NM6
#
_entry.id   4NM6
#
_cell.length_a   48.296
_cell.length_b   88.186
_cell.length_c   262.962
_cell.angle_alpha   90.00
_cell.angle_beta   90.00
_cell.angle_gamma   90.00
#
_symmetry.space_group_name_H-M   'C 2 2 21'
#
loop_
_entity.id
_entity.type
_entity.pdbx_description
1 polymer 'Methylcytosine dioxygenase TET2'
2 polymer "5'-D(*AP*CP*CP*AP*CP*(5CM)P*GP*GP*TP*GP*GP*T)-3'"
3 non-polymer 'ZINC ION'
4 non-polymer 'FE (II) ION'
5 non-polymer N-OXALYLGLYCINE
6 water water
#
loop_
_entity_poly.entity_id
_entity_poly.type
_entity_poly.pdbx_seq_one_letter_code
_entity_poly.pdbx_strand_id
1 'polypeptide(L)'
;GGSDFPSCRCVEQIIEKDEGPFYTHLGAGPNVAAIREIMEERFGQKGKAIRIERVIYTGKEGKSSQGCPIAKWVVRRSSS
EEKLLCLVRERAGHTCEAAVIVILILVWEGIPLSLADKLYSELTETLRKYGTLTNRRCALNEERTCACQGLDPETCGASF
SFGCSWSMYYNGCKFARSKIPRKFKLLGDDPKEEEKLESHLQNLSTLMAPTYKKLAPDAYNNQIEYEHRAPECRLGLKEG
RPFSGVTACLDFCAHAHRDLHNMQNGSTLVCTLTREDNREFGGKPEDEQLHVLPLYKVSDVDEFGSVEAQEEKKRSGAIQ
VLSSFRRKVRMLAEPVKTCRQRKLEAKKAAAEKLSGGGGSGGGGSGGGGSDEVWSDSEQSFLDPDIGGVAVAPTHGSILI
ECAKRELHATTPLKNPNRNHPTRISLVFYQHKSMNEPKHGLALWEAKMAEKAREKEEECEKYG
;
A
2 'polydeoxyribonucleotide' (DA)(DC)(DC)(DA)(DC)(5CM)(DG)(DG)(DT)(DG)(DG)(DT) B,C
#
# COMPACT_ATOMS: atom_id res chain seq x y z
N SER A 7 -24.62 -2.32 14.82
CA SER A 7 -25.87 -2.95 14.36
C SER A 7 -26.46 -2.17 13.19
N CYS A 8 -27.11 -2.88 12.26
CA CYS A 8 -27.62 -2.25 11.05
C CYS A 8 -28.89 -2.91 10.52
N ARG A 9 -29.84 -2.10 10.09
CA ARG A 9 -31.05 -2.60 9.46
C ARG A 9 -31.49 -1.69 8.31
N CYS A 10 -30.65 -1.57 7.28
CA CYS A 10 -30.97 -0.72 6.15
C CYS A 10 -31.47 -1.53 4.95
N GLU A 19 -22.12 -3.60 -2.59
CA GLU A 19 -21.81 -2.34 -1.89
C GLU A 19 -20.34 -2.27 -1.44
N GLY A 20 -19.58 -3.33 -1.72
CA GLY A 20 -18.17 -3.40 -1.35
C GLY A 20 -17.92 -3.85 0.07
N PRO A 21 -16.64 -4.10 0.42
CA PRO A 21 -16.35 -4.67 1.75
C PRO A 21 -16.76 -3.74 2.89
N PHE A 22 -17.31 -4.29 3.97
CA PHE A 22 -17.72 -3.46 5.09
C PHE A 22 -16.79 -3.66 6.25
N TYR A 23 -16.29 -2.55 6.80
CA TYR A 23 -15.43 -2.56 7.97
C TYR A 23 -15.41 -1.12 8.46
N THR A 24 -15.13 -0.91 9.73
CA THR A 24 -15.20 0.44 10.27
C THR A 24 -13.95 0.85 11.01
N HIS A 25 -12.91 0.03 10.98
CA HIS A 25 -11.75 0.35 11.81
C HIS A 25 -10.85 1.50 11.34
N LEU A 26 -11.23 2.21 10.28
CA LEU A 26 -10.43 3.37 9.85
C LEU A 26 -10.90 4.86 10.11
N GLY A 27 -12.16 5.23 10.30
CA GLY A 27 -13.31 4.42 10.62
C GLY A 27 -14.63 4.72 9.92
N ALA A 28 -15.61 5.32 10.61
CA ALA A 28 -16.99 5.38 10.07
C ALA A 28 -17.96 6.38 10.74
N GLY A 29 -19.00 6.80 10.00
CA GLY A 29 -19.99 7.73 10.53
C GLY A 29 -21.28 7.80 9.73
N PRO A 30 -22.29 8.54 10.23
CA PRO A 30 -23.59 8.56 9.54
C PRO A 30 -23.57 9.36 8.22
N ASN A 31 -22.57 10.22 8.05
CA ASN A 31 -22.49 11.04 6.85
C ASN A 31 -21.07 11.60 6.67
N VAL A 32 -20.82 12.24 5.54
CA VAL A 32 -19.46 12.69 5.22
C VAL A 32 -18.99 13.74 6.23
N ALA A 33 -19.94 14.53 6.72
CA ALA A 33 -19.62 15.58 7.68
C ALA A 33 -19.09 14.98 8.98
N ALA A 34 -19.64 13.85 9.38
CA ALA A 34 -19.19 13.18 10.60
C ALA A 34 -17.73 12.74 10.46
N ILE A 35 -17.37 12.24 9.29
CA ILE A 35 -16.00 11.81 9.04
C ILE A 35 -15.06 12.99 9.21
N ARG A 36 -15.44 14.15 8.66
CA ARG A 36 -14.63 15.35 8.78
C ARG A 36 -14.38 15.72 10.25
N GLU A 37 -15.41 15.60 11.09
CA GLU A 37 -15.24 15.87 12.51
C GLU A 37 -14.25 14.89 13.10
N ILE A 38 -14.45 13.61 12.78
CA ILE A 38 -13.57 12.56 13.26
C ILE A 38 -12.12 12.80 12.88
N MET A 39 -11.90 13.15 11.60
CA MET A 39 -10.54 13.33 11.12
C MET A 39 -9.92 14.63 11.63
N GLU A 40 -10.73 15.69 11.70
CA GLU A 40 -10.30 16.94 12.33
C GLU A 40 -9.85 16.73 13.77
N GLU A 41 -10.64 15.97 14.54
CA GLU A 41 -10.26 15.60 15.90
C GLU A 41 -8.96 14.77 15.95
N ARG A 42 -8.85 13.79 15.07
CA ARG A 42 -7.68 12.91 15.08
C ARG A 42 -6.40 13.63 14.68
N PHE A 43 -6.48 14.44 13.65
CA PHE A 43 -5.28 15.07 13.10
C PHE A 43 -4.92 16.36 13.85
N GLY A 44 -5.93 17.01 14.43
CA GLY A 44 -5.69 18.21 15.21
C GLY A 44 -6.02 19.50 14.49
N GLN A 45 -5.99 19.50 13.15
CA GLN A 45 -6.25 20.71 12.38
C GLN A 45 -7.63 20.70 11.73
N LYS A 46 -8.11 21.89 11.37
CA LYS A 46 -9.45 22.01 10.81
C LYS A 46 -9.43 22.55 9.38
N GLY A 47 -10.57 22.39 8.70
CA GLY A 47 -10.76 22.96 7.39
C GLY A 47 -9.84 22.43 6.32
N LYS A 48 -9.23 23.36 5.59
CA LYS A 48 -8.40 23.12 4.42
C LYS A 48 -7.39 21.99 4.56
N ALA A 49 -6.87 21.80 5.78
CA ALA A 49 -5.83 20.80 6.03
C ALA A 49 -6.31 19.38 5.73
N ILE A 50 -7.62 19.20 5.75
CA ILE A 50 -8.19 17.87 5.59
C ILE A 50 -9.05 17.87 4.34
N ARG A 51 -8.79 16.91 3.46
CA ARG A 51 -9.56 16.77 2.24
C ARG A 51 -10.20 15.40 2.24
N ILE A 52 -11.48 15.36 1.91
CA ILE A 52 -12.23 14.13 1.84
C ILE A 52 -12.74 13.96 0.43
N GLU A 53 -12.40 12.84 -0.21
CA GLU A 53 -12.97 12.50 -1.52
C GLU A 53 -13.95 11.37 -1.35
N ARG A 54 -15.16 11.55 -1.84
CA ARG A 54 -16.12 10.45 -1.92
C ARG A 54 -15.73 9.58 -3.08
N VAL A 55 -15.63 8.28 -2.86
CA VAL A 55 -15.41 7.35 -3.98
C VAL A 55 -16.52 6.32 -4.04
N ILE A 56 -16.78 5.78 -5.22
CA ILE A 56 -17.95 4.91 -5.41
C ILE A 56 -17.49 3.54 -5.86
N TYR A 57 -17.81 2.53 -5.06
CA TYR A 57 -17.50 1.14 -5.40
C TYR A 57 -18.39 0.69 -6.55
N THR A 58 -17.78 0.30 -7.67
CA THR A 58 -18.54 -0.22 -8.79
C THR A 58 -18.42 -1.73 -8.88
N GLY A 59 -17.28 -2.26 -8.42
CA GLY A 59 -17.00 -3.69 -8.50
C GLY A 59 -16.49 -4.17 -9.85
N LYS A 60 -16.31 -3.24 -10.77
CA LYS A 60 -15.83 -3.55 -12.12
C LYS A 60 -14.37 -3.11 -12.25
N GLU A 61 -13.46 -4.09 -12.39
CA GLU A 61 -12.03 -3.83 -12.30
C GLU A 61 -11.38 -3.16 -13.51
N GLY A 62 -10.68 -2.06 -13.26
CA GLY A 62 -9.92 -1.41 -14.31
C GLY A 62 -8.63 -2.14 -14.62
N LYS A 63 -8.43 -2.47 -15.89
CA LYS A 63 -7.18 -3.10 -16.33
C LYS A 63 -6.91 -2.92 -17.82
N SER A 64 -5.64 -3.01 -18.19
CA SER A 64 -5.25 -2.90 -19.60
C SER A 64 -5.72 -4.17 -20.29
N SER A 65 -5.64 -4.19 -21.61
CA SER A 65 -6.03 -5.37 -22.35
C SER A 65 -5.17 -6.60 -22.04
N GLN A 66 -4.20 -6.48 -21.13
CA GLN A 66 -3.22 -7.56 -20.93
C GLN A 66 -3.18 -8.51 -19.69
N GLY A 67 -3.88 -8.31 -18.57
CA GLY A 67 -4.49 -7.09 -18.08
C GLY A 67 -3.74 -6.62 -16.84
N CYS A 68 -2.99 -5.55 -17.03
CA CYS A 68 -2.12 -5.05 -15.99
C CYS A 68 -2.72 -3.77 -15.41
N PRO A 69 -2.20 -3.30 -14.27
CA PRO A 69 -2.89 -2.20 -13.57
C PRO A 69 -2.95 -0.94 -14.39
N ILE A 70 -4.04 -0.20 -14.23
CA ILE A 70 -4.20 1.13 -14.84
C ILE A 70 -4.96 2.07 -13.91
N ALA A 71 -4.75 3.36 -14.08
CA ALA A 71 -5.51 4.34 -13.31
C ALA A 71 -6.43 5.06 -14.28
N LYS A 72 -7.65 5.38 -13.83
CA LYS A 72 -8.54 6.21 -14.64
C LYS A 72 -8.65 7.65 -14.12
N TRP A 73 -8.49 7.81 -12.82
CA TRP A 73 -8.47 9.13 -12.18
C TRP A 73 -7.31 9.14 -11.20
N VAL A 74 -6.65 10.28 -11.05
CA VAL A 74 -5.57 10.39 -10.06
C VAL A 74 -5.87 11.50 -9.08
N VAL A 75 -6.01 11.16 -7.82
CA VAL A 75 -6.22 12.15 -6.78
C VAL A 75 -4.85 12.65 -6.36
N ARG A 76 -4.62 13.95 -6.54
CA ARG A 76 -3.31 14.52 -6.29
C ARG A 76 -3.41 15.58 -5.22
N ARG A 77 -2.34 15.75 -4.44
CA ARG A 77 -2.35 16.75 -3.37
C ARG A 77 -2.65 18.11 -3.98
N SER A 78 -3.65 18.79 -3.42
CA SER A 78 -4.15 20.03 -4.03
C SER A 78 -3.22 21.22 -3.81
N SER A 79 -2.62 21.29 -2.62
CA SER A 79 -1.65 22.34 -2.31
C SER A 79 -0.88 21.96 -1.05
N SER A 80 0.07 22.81 -0.67
CA SER A 80 0.84 22.64 0.57
C SER A 80 -0.07 22.66 1.78
N GLU A 81 -1.19 23.35 1.63
CA GLU A 81 -2.16 23.47 2.71
C GLU A 81 -2.81 22.12 3.02
N GLU A 82 -2.95 21.27 2.00
CA GLU A 82 -3.58 19.96 2.19
C GLU A 82 -2.62 19.01 2.90
N LYS A 83 -3.02 18.54 4.07
CA LYS A 83 -2.13 17.75 4.92
C LYS A 83 -2.60 16.31 5.03
N LEU A 84 -3.92 16.12 4.92
CA LEU A 84 -4.54 14.81 5.13
C LEU A 84 -5.60 14.54 4.09
N LEU A 85 -5.44 13.43 3.37
CA LEU A 85 -6.39 13.02 2.35
C LEU A 85 -7.14 11.80 2.88
N CYS A 86 -8.47 11.84 2.81
CA CYS A 86 -9.30 10.73 3.24
CA CYS A 86 -9.29 10.71 3.23
C CYS A 86 -10.27 10.33 2.12
N LEU A 87 -10.19 9.07 1.67
CA LEU A 87 -11.16 8.56 0.70
C LEU A 87 -12.30 7.91 1.48
N VAL A 88 -13.54 8.28 1.17
CA VAL A 88 -14.66 7.69 1.88
C VAL A 88 -15.63 7.06 0.90
N ARG A 89 -16.28 6.00 1.34
CA ARG A 89 -17.25 5.29 0.52
C ARG A 89 -18.60 5.37 1.21
N GLU A 90 -19.55 6.02 0.56
CA GLU A 90 -20.89 6.09 1.10
C GLU A 90 -21.63 4.83 0.68
N ARG A 91 -22.09 4.08 1.67
CA ARG A 91 -22.68 2.77 1.40
C ARG A 91 -24.10 2.90 0.84
N ALA A 92 -24.29 2.34 -0.36
CA ALA A 92 -25.56 2.40 -1.08
C ALA A 92 -26.75 2.04 -0.20
N GLY A 93 -27.64 3.02 0.01
CA GLY A 93 -28.90 2.79 0.70
C GLY A 93 -28.89 2.81 2.21
N HIS A 94 -27.74 3.04 2.84
CA HIS A 94 -27.68 3.03 4.30
C HIS A 94 -27.95 4.40 4.92
N THR A 95 -28.55 4.40 6.10
CA THR A 95 -28.84 5.62 6.84
C THR A 95 -28.43 5.46 8.30
N CYS A 96 -27.56 4.50 8.56
CA CYS A 96 -27.20 4.16 9.93
C CYS A 96 -25.94 4.89 10.38
N GLU A 97 -25.44 4.57 11.56
CA GLU A 97 -24.28 5.25 12.13
C GLU A 97 -22.96 4.85 11.50
N ALA A 98 -22.99 3.84 10.62
CA ALA A 98 -21.82 3.49 9.83
C ALA A 98 -22.14 3.54 8.34
N ALA A 99 -22.98 4.50 7.94
CA ALA A 99 -23.36 4.65 6.54
C ALA A 99 -22.16 5.02 5.65
N VAL A 100 -21.26 5.84 6.17
CA VAL A 100 -20.05 6.22 5.43
C VAL A 100 -18.83 5.67 6.12
N ILE A 101 -17.97 4.98 5.37
CA ILE A 101 -16.76 4.44 5.95
C ILE A 101 -15.50 4.99 5.28
N VAL A 102 -14.44 5.06 6.05
CA VAL A 102 -13.13 5.53 5.53
C VAL A 102 -12.38 4.38 4.88
N ILE A 103 -11.83 4.62 3.69
CA ILE A 103 -11.20 3.58 2.88
C ILE A 103 -9.68 3.73 2.75
N LEU A 104 -9.22 4.98 2.78
CA LEU A 104 -7.82 5.26 2.55
C LEU A 104 -7.51 6.56 3.30
N ILE A 105 -6.38 6.58 3.99
CA ILE A 105 -5.92 7.80 4.64
C ILE A 105 -4.49 8.07 4.17
N LEU A 106 -4.23 9.28 3.73
CA LEU A 106 -2.89 9.63 3.26
C LEU A 106 -2.39 10.88 3.94
N VAL A 107 -1.34 10.73 4.75
CA VAL A 107 -0.64 11.86 5.34
C VAL A 107 0.47 12.29 4.41
N TRP A 108 0.29 13.43 3.75
CA TRP A 108 1.26 13.89 2.76
C TRP A 108 2.64 14.10 3.40
N GLU A 109 2.66 14.72 4.58
CA GLU A 109 3.92 14.95 5.30
C GLU A 109 4.13 13.92 6.40
N GLY A 110 4.43 12.69 6.01
CA GLY A 110 4.45 11.57 6.94
C GLY A 110 5.69 11.42 7.81
N ILE A 111 6.87 11.43 7.20
CA ILE A 111 8.11 11.40 7.94
C ILE A 111 8.95 12.62 7.56
N PRO A 112 9.98 12.95 8.37
CA PRO A 112 10.82 14.09 8.00
C PRO A 112 11.48 13.85 6.66
N LEU A 113 11.58 14.89 5.84
CA LEU A 113 12.15 14.76 4.51
C LEU A 113 13.64 14.38 4.47
N SER A 114 14.41 14.77 5.48
CA SER A 114 15.83 14.39 5.51
C SER A 114 15.97 12.88 5.74
N LEU A 115 15.10 12.34 6.58
CA LEU A 115 15.00 10.90 6.83
C LEU A 115 14.63 10.19 5.54
N ALA A 116 13.61 10.71 4.87
CA ALA A 116 13.13 10.09 3.63
C ALA A 116 14.21 10.09 2.53
N ASP A 117 14.94 11.20 2.39
CA ASP A 117 16.09 11.25 1.48
C ASP A 117 17.13 10.18 1.82
N LYS A 118 17.39 10.00 3.11
CA LYS A 118 18.44 9.08 3.56
C LYS A 118 18.01 7.62 3.41
N LEU A 119 16.79 7.32 3.80
CA LEU A 119 16.24 5.98 3.51
C LEU A 119 16.33 5.63 2.02
N TYR A 120 15.98 6.58 1.15
CA TYR A 120 15.97 6.27 -0.30
C TYR A 120 17.33 5.77 -0.76
N SER A 121 18.38 6.53 -0.44
CA SER A 121 19.74 6.18 -0.83
C SER A 121 20.17 4.87 -0.24
N GLU A 122 20.00 4.76 1.06
CA GLU A 122 20.58 3.65 1.79
C GLU A 122 19.92 2.32 1.47
N LEU A 123 18.60 2.33 1.34
CA LEU A 123 17.87 1.11 1.03
C LEU A 123 18.13 0.67 -0.39
N THR A 124 18.20 1.63 -1.31
CA THR A 124 18.51 1.32 -2.70
C THR A 124 19.88 0.66 -2.82
N GLU A 125 20.87 1.26 -2.17
CA GLU A 125 22.22 0.75 -2.24
C GLU A 125 22.33 -0.61 -1.58
N THR A 126 21.73 -0.74 -0.41
CA THR A 126 21.81 -2.02 0.30
C THR A 126 21.07 -3.15 -0.42
N LEU A 127 19.87 -2.86 -0.92
CA LEU A 127 19.07 -3.92 -1.53
C LEU A 127 19.61 -4.33 -2.91
N ARG A 128 20.26 -3.41 -3.61
CA ARG A 128 20.72 -3.72 -4.95
C ARG A 128 21.90 -4.69 -4.92
N LYS A 129 22.68 -4.65 -3.85
CA LYS A 129 23.90 -5.43 -3.76
C LYS A 129 23.74 -6.67 -2.91
N TYR A 130 23.01 -6.54 -1.81
CA TYR A 130 22.88 -7.64 -0.86
C TYR A 130 21.46 -8.14 -0.77
N GLY A 131 20.54 -7.47 -1.47
CA GLY A 131 19.14 -7.84 -1.39
C GLY A 131 18.88 -9.19 -2.01
N THR A 132 17.96 -9.95 -1.41
CA THR A 132 17.59 -11.25 -1.96
C THR A 132 16.15 -11.20 -2.44
N LEU A 133 15.92 -11.66 -3.66
CA LEU A 133 14.60 -11.56 -4.30
C LEU A 133 13.47 -12.28 -3.54
N THR A 134 12.28 -11.71 -3.59
CA THR A 134 11.08 -12.37 -3.09
C THR A 134 10.03 -12.39 -4.18
N ASN A 135 9.93 -13.51 -4.90
CA ASN A 135 8.87 -13.67 -5.89
C ASN A 135 7.49 -13.59 -5.22
N ARG A 136 6.51 -13.09 -5.96
CA ARG A 136 5.14 -12.92 -5.48
C ARG A 136 4.19 -13.10 -6.65
N ARG A 137 3.03 -13.71 -6.41
CA ARG A 137 2.06 -13.92 -7.47
C ARG A 137 1.65 -12.59 -8.09
N CYS A 138 1.53 -11.54 -7.27
CA CYS A 138 1.06 -10.26 -7.81
C CYS A 138 2.11 -9.51 -8.66
N ALA A 139 3.28 -10.13 -8.84
CA ALA A 139 4.32 -9.58 -9.73
C ALA A 139 3.95 -9.76 -11.19
N LEU A 140 2.98 -10.64 -11.45
CA LEU A 140 2.57 -11.01 -12.79
C LEU A 140 1.07 -10.83 -12.99
N ASN A 141 0.66 -10.65 -14.25
CA ASN A 141 -0.76 -10.63 -14.60
C ASN A 141 -1.34 -12.05 -14.56
N GLU A 142 -2.63 -12.20 -14.88
CA GLU A 142 -3.27 -13.50 -14.79
C GLU A 142 -2.62 -14.54 -15.72
N GLU A 143 -2.30 -14.15 -16.94
CA GLU A 143 -1.67 -15.07 -17.91
C GLU A 143 -0.21 -15.39 -17.61
N ARG A 144 0.35 -14.74 -16.60
CA ARG A 144 1.73 -14.95 -16.20
C ARG A 144 2.73 -14.71 -17.33
N THR A 145 2.41 -13.77 -18.22
CA THR A 145 3.26 -13.53 -19.39
C THR A 145 3.67 -12.07 -19.56
N CYS A 146 3.36 -11.21 -18.60
CA CYS A 146 3.67 -9.79 -18.78
C CYS A 146 5.11 -9.44 -18.36
N ALA A 147 5.51 -8.20 -18.62
CA ALA A 147 6.88 -7.79 -18.38
C ALA A 147 6.85 -6.48 -17.65
N CYS A 148 5.86 -6.31 -16.78
CA CYS A 148 5.69 -5.04 -16.07
C CYS A 148 6.87 -4.66 -15.19
N GLN A 149 7.67 -5.65 -14.81
CA GLN A 149 8.81 -5.39 -13.95
C GLN A 149 10.03 -4.97 -14.76
N GLY A 150 10.01 -5.23 -16.07
CA GLY A 150 11.18 -5.04 -16.89
C GLY A 150 11.81 -6.41 -17.09
N LEU A 151 12.48 -6.62 -18.21
CA LEU A 151 13.00 -7.94 -18.53
C LEU A 151 14.50 -8.11 -18.25
N ASP A 152 15.12 -7.10 -17.67
CA ASP A 152 16.53 -7.19 -17.29
C ASP A 152 16.62 -7.60 -15.84
N PRO A 153 17.10 -8.83 -15.58
CA PRO A 153 17.15 -9.40 -14.23
C PRO A 153 17.94 -8.54 -13.25
N GLU A 154 18.92 -7.79 -13.75
CA GLU A 154 19.77 -6.98 -12.89
C GLU A 154 19.08 -5.68 -12.49
N THR A 155 18.13 -5.25 -13.29
CA THR A 155 17.53 -3.93 -13.10
C THR A 155 16.01 -3.94 -12.81
N CYS A 156 15.35 -5.08 -12.99
CA CYS A 156 13.89 -5.11 -12.98
C CYS A 156 13.36 -4.76 -11.60
N GLY A 157 12.11 -4.30 -11.55
CA GLY A 157 11.46 -3.98 -10.29
C GLY A 157 11.34 -5.24 -9.44
N ALA A 158 11.39 -5.07 -8.12
CA ALA A 158 11.43 -6.24 -7.26
C ALA A 158 10.88 -5.94 -5.87
N SER A 159 10.54 -7.02 -5.17
CA SER A 159 9.95 -6.93 -3.84
C SER A 159 10.86 -7.70 -2.88
N PHE A 160 11.08 -7.16 -1.67
CA PHE A 160 11.94 -7.76 -0.67
C PHE A 160 11.19 -7.85 0.68
N SER A 161 11.12 -9.05 1.26
CA SER A 161 10.30 -9.23 2.47
C SER A 161 11.11 -9.42 3.74
N PHE A 162 10.76 -8.65 4.78
CA PHE A 162 11.55 -8.65 6.00
C PHE A 162 10.65 -8.74 7.23
N GLY A 163 11.25 -8.96 8.39
CA GLY A 163 10.46 -9.18 9.58
C GLY A 163 9.86 -10.57 9.56
N CYS A 164 8.68 -10.71 10.18
CA CYS A 164 8.04 -12.00 10.26
C CYS A 164 6.94 -12.09 9.24
N SER A 165 6.58 -13.31 8.87
CA SER A 165 5.41 -13.49 8.04
C SER A 165 4.82 -14.86 8.30
N TRP A 166 3.52 -14.97 8.06
CA TRP A 166 2.76 -16.19 8.27
C TRP A 166 3.18 -17.26 7.30
N SER A 167 3.01 -18.51 7.73
CA SER A 167 3.42 -19.67 6.95
C SER A 167 2.36 -20.76 7.09
N MET A 168 1.86 -21.25 5.97
CA MET A 168 0.86 -22.30 6.00
C MET A 168 1.40 -23.56 6.66
N TYR A 169 2.69 -23.81 6.48
CA TYR A 169 3.29 -25.04 6.99
C TYR A 169 3.23 -25.13 8.51
N TYR A 170 3.11 -23.99 9.18
CA TYR A 170 3.04 -23.97 10.63
C TYR A 170 1.74 -23.32 11.12
N ASN A 171 1.00 -22.72 10.20
CA ASN A 171 -0.18 -21.93 10.52
C ASN A 171 0.21 -20.86 11.52
N GLY A 172 1.36 -20.26 11.26
CA GLY A 172 1.96 -19.32 12.19
C GLY A 172 3.24 -18.82 11.57
N CYS A 173 4.06 -18.17 12.38
CA CYS A 173 5.27 -17.55 11.88
C CYS A 173 6.20 -18.54 11.20
N LYS A 174 6.75 -18.12 10.05
CA LYS A 174 7.68 -18.95 9.29
C LYS A 174 8.95 -19.32 10.07
N PHE A 175 9.16 -18.68 11.22
CA PHE A 175 10.37 -18.89 12.01
C PHE A 175 10.16 -19.90 13.15
N ALA A 176 9.13 -20.73 13.03
CA ALA A 176 8.77 -21.70 14.08
C ALA A 176 9.89 -22.67 14.45
N ARG A 177 10.82 -22.90 13.54
CA ARG A 177 11.93 -23.84 13.76
C ARG A 177 13.26 -23.12 13.91
N SER A 178 13.27 -21.80 13.74
CA SER A 178 14.52 -21.07 13.63
C SER A 178 15.17 -20.76 14.97
N LYS A 179 16.36 -21.32 15.18
CA LYS A 179 17.21 -20.93 16.30
C LYS A 179 17.84 -19.58 15.93
N ILE A 180 17.40 -18.53 16.61
CA ILE A 180 17.78 -17.15 16.27
C ILE A 180 17.61 -16.84 14.78
N PRO A 181 16.41 -16.40 14.41
CA PRO A 181 16.09 -16.05 13.01
C PRO A 181 16.65 -14.70 12.58
N ARG A 182 16.87 -14.53 11.28
CA ARG A 182 17.35 -13.27 10.75
C ARG A 182 16.20 -12.57 10.04
N LYS A 183 15.56 -11.63 10.73
CA LYS A 183 14.41 -10.93 10.14
C LYS A 183 14.84 -10.06 8.95
N PHE A 184 16.13 -9.81 8.82
CA PHE A 184 16.61 -8.92 7.77
C PHE A 184 17.72 -9.57 6.97
N LYS A 185 17.48 -10.82 6.58
CA LYS A 185 18.43 -11.62 5.84
C LYS A 185 18.79 -10.96 4.52
N LEU A 186 20.08 -10.68 4.34
CA LEU A 186 20.60 -10.23 3.05
C LEU A 186 21.46 -11.33 2.46
N LEU A 187 21.87 -11.13 1.21
CA LEU A 187 22.61 -12.16 0.49
C LEU A 187 23.85 -12.60 1.24
N GLY A 188 24.01 -13.91 1.37
CA GLY A 188 25.20 -14.49 1.96
C GLY A 188 25.26 -14.43 3.47
N ASP A 189 26.17 -13.60 3.97
CA ASP A 189 26.62 -13.70 5.36
C ASP A 189 26.59 -12.40 6.15
N ASP A 190 27.12 -11.32 5.55
CA ASP A 190 27.43 -10.05 6.23
C ASP A 190 26.45 -9.60 7.31
N PRO A 191 26.81 -9.83 8.57
CA PRO A 191 25.99 -9.44 9.72
C PRO A 191 25.92 -7.91 9.88
N LYS A 192 27.01 -7.21 9.56
CA LYS A 192 27.05 -5.76 9.70
C LYS A 192 26.11 -5.03 8.72
N GLU A 193 25.99 -5.56 7.51
CA GLU A 193 25.04 -4.98 6.56
C GLU A 193 23.61 -5.24 7.01
N GLU A 194 23.36 -6.42 7.57
CA GLU A 194 22.01 -6.76 8.01
C GLU A 194 21.59 -5.92 9.20
N GLU A 195 22.52 -5.68 10.12
CA GLU A 195 22.29 -4.85 11.29
C GLU A 195 21.97 -3.42 10.90
N LYS A 196 22.64 -2.93 9.85
CA LYS A 196 22.39 -1.58 9.39
C LYS A 196 21.00 -1.50 8.76
N LEU A 197 20.67 -2.48 7.92
CA LEU A 197 19.34 -2.52 7.34
C LEU A 197 18.28 -2.66 8.46
N GLU A 198 18.51 -3.58 9.39
CA GLU A 198 17.64 -3.73 10.56
C GLU A 198 17.41 -2.41 11.26
N SER A 199 18.48 -1.68 11.55
CA SER A 199 18.35 -0.40 12.25
C SER A 199 17.44 0.61 11.55
N HIS A 200 17.60 0.78 10.24
CA HIS A 200 16.74 1.71 9.52
C HIS A 200 15.27 1.34 9.61
N LEU A 201 14.95 0.07 9.41
CA LEU A 201 13.56 -0.33 9.34
C LEU A 201 12.96 -0.44 10.74
N GLN A 202 13.79 -0.82 11.72
CA GLN A 202 13.33 -0.79 13.10
C GLN A 202 13.01 0.64 13.51
N ASN A 203 13.91 1.57 13.18
CA ASN A 203 13.69 2.98 13.51
C ASN A 203 12.44 3.50 12.82
N LEU A 204 12.28 3.15 11.55
CA LEU A 204 11.11 3.62 10.83
C LEU A 204 9.83 3.02 11.39
N SER A 205 9.87 1.74 11.74
CA SER A 205 8.71 1.11 12.40
C SER A 205 8.33 1.89 13.64
N THR A 206 9.35 2.30 14.38
CA THR A 206 9.19 2.99 15.66
C THR A 206 8.55 4.36 15.45
N LEU A 207 8.98 5.07 14.40
CA LEU A 207 8.46 6.39 14.10
C LEU A 207 7.01 6.32 13.63
N MET A 208 6.69 5.31 12.86
CA MET A 208 5.35 5.24 12.28
C MET A 208 4.22 4.80 13.21
N ALA A 209 4.53 4.05 14.26
CA ALA A 209 3.48 3.59 15.18
C ALA A 209 2.63 4.71 15.78
N PRO A 210 3.26 5.79 16.27
CA PRO A 210 2.38 6.84 16.80
C PRO A 210 1.57 7.57 15.76
N THR A 211 2.03 7.60 14.50
CA THR A 211 1.22 8.22 13.48
C THR A 211 0.02 7.32 13.20
N TYR A 212 0.24 6.02 13.26
CA TYR A 212 -0.81 5.02 13.01
C TYR A 212 -1.84 5.12 14.16
N LYS A 213 -1.35 5.17 15.38
CA LYS A 213 -2.25 5.32 16.53
C LYS A 213 -3.12 6.55 16.39
N LYS A 214 -2.51 7.67 15.99
CA LYS A 214 -3.19 8.95 15.89
C LYS A 214 -4.31 8.95 14.86
N LEU A 215 -4.00 8.50 13.64
CA LEU A 215 -4.96 8.59 12.54
C LEU A 215 -5.89 7.39 12.34
N ALA A 216 -5.48 6.22 12.79
CA ALA A 216 -6.38 5.06 12.70
C ALA A 216 -6.36 4.20 13.99
N PRO A 217 -6.78 4.80 15.12
CA PRO A 217 -6.68 4.18 16.45
C PRO A 217 -7.34 2.80 16.61
N ASP A 218 -8.51 2.61 16.04
CA ASP A 218 -9.17 1.32 16.17
C ASP A 218 -8.37 0.20 15.49
N ALA A 219 -7.89 0.46 14.28
CA ALA A 219 -7.02 -0.49 13.60
C ALA A 219 -5.71 -0.67 14.36
N TYR A 220 -5.12 0.44 14.80
CA TYR A 220 -3.90 0.38 15.61
C TYR A 220 -4.10 -0.47 16.87
N ASN A 221 -5.20 -0.23 17.57
CA ASN A 221 -5.49 -0.97 18.80
C ASN A 221 -5.57 -2.48 18.54
N ASN A 222 -6.25 -2.88 17.47
CA ASN A 222 -6.34 -4.30 17.11
C ASN A 222 -4.97 -4.93 16.94
N GLN A 223 -4.05 -4.21 16.28
CA GLN A 223 -2.77 -4.81 15.94
C GLN A 223 -1.87 -4.88 17.17
N ILE A 224 -2.26 -4.15 18.21
CA ILE A 224 -1.46 -4.03 19.42
C ILE A 224 -1.84 -5.04 20.52
N GLU A 225 -3.01 -5.68 20.36
CA GLU A 225 -3.61 -6.52 21.40
C GLU A 225 -2.66 -7.55 21.99
N TYR A 226 -1.93 -8.23 21.12
CA TYR A 226 -1.09 -9.34 21.55
C TYR A 226 0.39 -8.99 21.57
N GLU A 227 0.69 -7.69 21.59
CA GLU A 227 2.06 -7.20 21.60
C GLU A 227 2.95 -7.87 22.65
N HIS A 228 2.41 -8.09 23.85
CA HIS A 228 3.20 -8.65 24.94
C HIS A 228 3.22 -10.18 24.97
N ARG A 229 2.36 -10.79 24.17
CA ARG A 229 2.32 -12.25 24.08
C ARG A 229 3.31 -12.78 23.04
N ALA A 230 3.51 -12.03 21.96
CA ALA A 230 4.37 -12.47 20.88
C ALA A 230 5.37 -11.41 20.43
N PRO A 231 6.18 -10.88 21.36
CA PRO A 231 7.05 -9.75 21.03
C PRO A 231 8.08 -10.11 19.97
N GLU A 232 8.44 -11.38 19.89
CA GLU A 232 9.42 -11.82 18.90
C GLU A 232 8.87 -11.63 17.48
N CYS A 233 7.55 -11.55 17.35
CA CYS A 233 6.94 -11.32 16.04
C CYS A 233 6.52 -9.88 15.82
N ARG A 234 7.11 -8.95 16.55
CA ARG A 234 6.81 -7.54 16.32
C ARG A 234 8.08 -6.75 16.00
N LEU A 235 7.93 -5.75 15.14
CA LEU A 235 8.98 -4.79 14.88
C LEU A 235 8.83 -3.62 15.86
N GLY A 236 9.82 -2.76 15.92
CA GLY A 236 9.69 -1.53 16.68
C GLY A 236 10.46 -1.62 17.98
N LEU A 237 10.97 -0.48 18.44
CA LEU A 237 11.85 -0.43 19.61
C LEU A 237 11.22 0.20 20.84
N LYS A 238 9.91 0.48 20.80
CA LYS A 238 9.27 1.23 21.87
C LYS A 238 7.87 0.64 22.07
N GLU A 239 7.35 0.65 23.30
CA GLU A 239 6.04 0.05 23.56
C GLU A 239 4.99 0.61 22.59
N GLY A 240 4.10 -0.23 22.08
CA GLY A 240 3.21 0.15 21.00
C GLY A 240 3.73 -0.33 19.64
N ARG A 241 3.66 -1.64 19.42
CA ARG A 241 4.30 -2.26 18.27
C ARG A 241 3.31 -3.01 17.40
N PRO A 242 2.61 -2.29 16.51
CA PRO A 242 1.55 -2.92 15.70
C PRO A 242 2.06 -3.74 14.52
N PHE A 243 3.31 -3.56 14.12
CA PHE A 243 3.80 -4.17 12.88
C PHE A 243 4.57 -5.46 13.13
N SER A 244 4.47 -6.36 12.15
CA SER A 244 5.14 -7.66 12.21
C SER A 244 6.11 -7.84 11.04
N GLY A 245 5.67 -7.52 9.83
CA GLY A 245 6.57 -7.64 8.69
C GLY A 245 6.72 -6.34 7.93
N VAL A 246 7.78 -6.24 7.11
CA VAL A 246 7.89 -5.12 6.18
C VAL A 246 8.32 -5.61 4.82
N THR A 247 7.67 -5.07 3.80
CA THR A 247 8.10 -5.33 2.43
C THR A 247 8.58 -4.04 1.80
N ALA A 248 9.71 -4.12 1.12
CA ALA A 248 10.27 -3.01 0.37
C ALA A 248 10.04 -3.27 -1.12
N CYS A 249 9.34 -2.38 -1.79
CA CYS A 249 9.01 -2.57 -3.19
C CYS A 249 9.75 -1.51 -4.00
N LEU A 250 10.64 -1.92 -4.88
CA LEU A 250 11.42 -0.98 -5.68
C LEU A 250 11.01 -1.08 -7.12
N ASP A 251 10.29 -0.05 -7.59
CA ASP A 251 9.82 0.02 -8.98
C ASP A 251 9.03 -1.25 -9.30
N PHE A 252 8.29 -1.69 -8.31
CA PHE A 252 7.60 -2.96 -8.39
C PHE A 252 6.17 -2.69 -8.81
N CYS A 253 5.73 -3.37 -9.87
CA CYS A 253 4.34 -3.28 -10.31
C CYS A 253 3.55 -4.38 -9.63
N ALA A 254 2.74 -4.01 -8.64
CA ALA A 254 1.88 -4.94 -7.93
C ALA A 254 0.54 -5.04 -8.65
N HIS A 255 0.27 -6.18 -9.29
CA HIS A 255 -0.99 -6.32 -10.01
C HIS A 255 -2.12 -6.41 -9.02
N ALA A 256 -3.35 -6.15 -9.46
CA ALA A 256 -4.49 -6.08 -8.57
C ALA A 256 -4.53 -7.31 -7.68
N HIS A 257 -4.56 -7.08 -6.38
CA HIS A 257 -4.64 -8.16 -5.40
C HIS A 257 -5.12 -7.63 -4.06
N ARG A 258 -5.30 -8.55 -3.12
CA ARG A 258 -5.62 -8.24 -1.73
C ARG A 258 -4.56 -8.94 -0.90
N ASP A 259 -4.22 -8.40 0.25
CA ASP A 259 -3.20 -9.02 1.11
C ASP A 259 -3.89 -10.02 2.01
N LEU A 260 -4.16 -11.20 1.46
CA LEU A 260 -5.02 -12.18 2.12
C LEU A 260 -4.43 -12.71 3.44
N HIS A 261 -3.12 -12.65 3.58
CA HIS A 261 -2.43 -13.14 4.78
C HIS A 261 -2.46 -12.18 5.97
N ASN A 262 -2.82 -10.92 5.72
CA ASN A 262 -2.88 -9.90 6.77
C ASN A 262 -3.91 -10.27 7.80
N MET A 263 -3.70 -9.86 9.04
CA MET A 263 -4.69 -10.14 10.07
C MET A 263 -6.00 -9.40 9.83
N GLN A 264 -7.09 -9.97 10.34
CA GLN A 264 -8.38 -9.33 10.26
C GLN A 264 -8.39 -8.03 11.05
N ASN A 265 -9.15 -7.05 10.54
CA ASN A 265 -9.36 -5.78 11.21
C ASN A 265 -8.10 -4.97 11.51
N GLY A 266 -7.15 -5.03 10.59
CA GLY A 266 -5.94 -4.26 10.70
C GLY A 266 -5.80 -3.39 9.47
N SER A 267 -4.59 -2.93 9.19
CA SER A 267 -4.38 -2.21 7.96
C SER A 267 -2.95 -2.31 7.57
N THR A 268 -2.65 -1.73 6.42
CA THR A 268 -1.29 -1.67 5.96
C THR A 268 -0.86 -0.19 5.95
N LEU A 269 0.33 0.09 6.44
CA LEU A 269 0.92 1.42 6.31
C LEU A 269 2.02 1.38 5.26
N VAL A 270 1.89 2.26 4.27
CA VAL A 270 2.82 2.32 3.18
C VAL A 270 3.60 3.64 3.21
N CYS A 271 4.88 3.58 3.47
CA CYS A 271 5.70 4.80 3.42
C CYS A 271 6.32 4.88 2.03
N THR A 272 6.12 6.00 1.32
CA THR A 272 6.67 6.18 -0.03
C THR A 272 7.92 7.05 -0.06
N LEU A 273 8.94 6.57 -0.77
CA LEU A 273 10.15 7.33 -1.07
C LEU A 273 10.27 7.51 -2.61
N THR A 274 10.62 8.70 -3.08
CA THR A 274 10.69 8.92 -4.53
C THR A 274 12.09 9.26 -5.00
N ARG A 275 12.32 9.03 -6.28
CA ARG A 275 13.55 9.44 -6.95
C ARG A 275 13.70 10.94 -6.74
N GLU A 276 14.91 11.44 -6.89
CA GLU A 276 15.22 12.82 -6.54
C GLU A 276 14.58 13.88 -7.45
N ASP A 277 14.18 13.50 -8.66
CA ASP A 277 13.49 14.41 -9.57
C ASP A 277 12.00 14.59 -9.21
N ASN A 278 11.55 13.89 -8.17
CA ASN A 278 10.14 13.93 -7.77
C ASN A 278 9.98 14.21 -6.29
N ARG A 279 10.64 15.26 -5.81
CA ARG A 279 10.58 15.63 -4.40
C ARG A 279 10.13 17.06 -4.16
N GLU A 280 9.75 17.75 -5.22
CA GLU A 280 9.25 19.10 -5.07
C GLU A 280 7.74 19.09 -5.32
N PHE A 281 6.99 19.87 -4.54
CA PHE A 281 5.57 19.99 -4.82
C PHE A 281 5.40 20.59 -6.20
N GLY A 282 4.44 20.06 -6.96
CA GLY A 282 4.19 20.53 -8.31
C GLY A 282 5.32 20.19 -9.25
N GLY A 283 5.12 20.47 -10.54
CA GLY A 283 6.11 20.12 -11.55
C GLY A 283 6.16 18.62 -11.76
N LYS A 284 6.19 18.19 -13.01
CA LYS A 284 6.17 16.77 -13.30
C LYS A 284 7.54 16.18 -13.55
N PRO A 285 7.83 15.04 -12.89
CA PRO A 285 9.09 14.31 -13.00
C PRO A 285 9.20 13.44 -14.26
N GLU A 286 8.21 12.59 -14.52
CA GLU A 286 8.34 11.49 -15.48
C GLU A 286 9.64 10.73 -15.20
N ASP A 287 9.54 9.60 -14.50
CA ASP A 287 8.32 8.82 -14.36
C ASP A 287 7.60 9.02 -13.00
N GLU A 288 6.57 8.20 -12.78
CA GLU A 288 5.77 8.26 -11.55
C GLU A 288 4.96 6.98 -11.36
N GLN A 289 4.96 6.43 -10.16
CA GLN A 289 4.14 5.26 -9.86
C GLN A 289 2.93 5.64 -9.00
N LEU A 290 1.79 5.05 -9.31
CA LEU A 290 0.52 5.37 -8.68
C LEU A 290 -0.01 4.19 -7.85
N HIS A 291 -0.76 4.50 -6.78
CA HIS A 291 -1.43 3.47 -6.01
C HIS A 291 -2.91 3.45 -6.42
N VAL A 292 -3.41 2.29 -6.83
CA VAL A 292 -4.74 2.21 -7.46
C VAL A 292 -5.77 1.34 -6.72
N LEU A 293 -7.00 1.83 -6.62
CA LEU A 293 -8.16 1.05 -6.20
C LEU A 293 -8.99 0.80 -7.44
N PRO A 294 -8.78 -0.36 -8.08
CA PRO A 294 -9.37 -0.63 -9.41
C PRO A 294 -10.89 -0.82 -9.43
N LEU A 295 -11.53 -0.89 -8.27
CA LEU A 295 -12.97 -1.19 -8.23
C LEU A 295 -13.83 0.03 -7.86
N TYR A 296 -13.22 1.20 -7.88
CA TYR A 296 -13.92 2.44 -7.56
C TYR A 296 -13.89 3.47 -8.67
N LYS A 297 -14.93 4.30 -8.72
CA LYS A 297 -14.91 5.52 -9.52
C LYS A 297 -14.96 6.77 -8.63
N VAL A 298 -14.67 7.94 -9.19
CA VAL A 298 -14.71 9.15 -8.38
C VAL A 298 -16.13 9.68 -8.42
N SER A 299 -16.44 10.61 -7.52
CA SER A 299 -17.81 11.11 -7.42
C SER A 299 -18.13 12.21 -8.41
N ASP A 300 -19.42 12.48 -8.57
CA ASP A 300 -19.93 13.60 -9.34
C ASP A 300 -19.70 14.88 -8.56
N VAL A 301 -19.39 14.73 -7.29
CA VAL A 301 -19.59 15.79 -6.33
C VAL A 301 -18.49 15.77 -5.27
N ASP A 302 -18.15 16.94 -4.71
CA ASP A 302 -17.07 17.05 -3.74
C ASP A 302 -17.55 16.66 -2.35
N GLU A 303 -16.66 16.78 -1.37
CA GLU A 303 -16.96 16.44 0.01
C GLU A 303 -18.30 16.99 0.50
N PHE A 304 -18.54 18.27 0.21
CA PHE A 304 -19.70 18.97 0.75
C PHE A 304 -20.90 18.88 -0.17
N GLY A 305 -20.72 18.22 -1.31
CA GLY A 305 -21.83 17.92 -2.19
C GLY A 305 -22.02 18.86 -3.36
N SER A 306 -20.98 19.65 -3.68
CA SER A 306 -21.08 20.62 -4.78
C SER A 306 -20.54 20.07 -6.09
N VAL A 307 -21.36 20.12 -7.12
CA VAL A 307 -20.97 19.68 -8.45
C VAL A 307 -19.89 20.61 -9.02
N GLU A 308 -20.13 21.90 -8.95
CA GLU A 308 -19.16 22.89 -9.41
C GLU A 308 -17.80 22.73 -8.75
N ALA A 309 -17.80 22.46 -7.45
CA ALA A 309 -16.55 22.30 -6.71
C ALA A 309 -15.73 21.14 -7.27
N GLN A 310 -16.40 20.04 -7.59
CA GLN A 310 -15.69 18.88 -8.09
C GLN A 310 -15.22 19.08 -9.52
N GLU A 311 -15.92 19.92 -10.27
CA GLU A 311 -15.49 20.27 -11.62
C GLU A 311 -14.25 21.17 -11.56
N GLU A 312 -14.16 22.01 -10.53
CA GLU A 312 -13.00 22.90 -10.37
C GLU A 312 -11.75 22.09 -10.07
N LYS A 313 -11.90 21.09 -9.21
CA LYS A 313 -10.80 20.17 -8.91
C LYS A 313 -10.31 19.44 -10.15
N LYS A 314 -11.24 19.07 -11.03
CA LYS A 314 -10.87 18.40 -12.28
C LYS A 314 -10.10 19.31 -13.23
N ARG A 315 -10.49 20.58 -13.31
CA ARG A 315 -9.80 21.52 -14.20
C ARG A 315 -8.48 22.01 -13.62
N SER A 316 -8.36 22.00 -12.29
CA SER A 316 -7.15 22.46 -11.62
C SER A 316 -6.12 21.35 -11.49
N GLY A 317 -6.58 20.11 -11.61
CA GLY A 317 -5.69 18.96 -11.53
C GLY A 317 -5.66 18.25 -10.19
N ALA A 318 -6.45 18.72 -9.22
CA ALA A 318 -6.54 18.03 -7.93
C ALA A 318 -7.18 16.66 -8.14
N ILE A 319 -8.03 16.57 -9.16
CA ILE A 319 -8.45 15.29 -9.68
C ILE A 319 -8.11 15.23 -11.17
N GLN A 320 -7.10 14.43 -11.51
CA GLN A 320 -6.67 14.34 -12.89
C GLN A 320 -7.46 13.26 -13.59
N VAL A 321 -8.21 13.64 -14.61
CA VAL A 321 -9.01 12.69 -15.37
C VAL A 321 -8.20 12.19 -16.56
N LEU A 322 -7.81 10.93 -16.54
CA LEU A 322 -7.00 10.33 -17.60
C LEU A 322 -7.94 10.01 -18.79
N SER A 323 -7.52 9.71 -20.04
CA SER A 323 -6.20 9.46 -20.69
C SER A 323 -6.11 8.01 -21.18
N SER A 324 -7.13 7.58 -21.92
CA SER A 324 -7.08 6.29 -22.60
C SER A 324 -5.85 6.21 -23.51
N PHE A 325 -5.07 5.14 -23.36
CA PHE A 325 -3.80 5.02 -24.09
C PHE A 325 -3.74 3.77 -24.99
N ARG A 326 -2.79 3.80 -25.92
CA ARG A 326 -2.48 2.65 -26.74
C ARG A 326 -0.96 2.57 -26.86
N ARG A 327 -0.34 1.87 -25.91
CA ARG A 327 1.12 1.78 -25.85
C ARG A 327 1.59 0.41 -26.29
N LYS A 328 2.90 0.27 -26.52
CA LYS A 328 3.48 -1.02 -26.89
C LYS A 328 4.19 -1.64 -25.70
N VAL A 329 4.06 -2.96 -25.55
CA VAL A 329 4.65 -3.62 -24.38
C VAL A 329 5.11 -5.06 -24.70
N ARG A 330 5.92 -5.63 -23.81
CA ARG A 330 6.47 -6.97 -24.03
C ARG A 330 5.56 -8.07 -23.51
N MET A 331 5.46 -9.14 -24.28
CA MET A 331 4.79 -10.34 -23.83
C MET A 331 5.69 -11.55 -23.98
N LEU A 332 5.92 -12.23 -22.87
CA LEU A 332 6.75 -13.43 -22.81
C LEU A 332 6.10 -14.54 -23.60
N ALA A 333 6.90 -15.25 -24.40
CA ALA A 333 6.38 -16.33 -25.22
C ALA A 333 5.97 -17.54 -24.40
N GLU A 334 6.46 -17.62 -23.17
CA GLU A 334 6.13 -18.74 -22.30
C GLU A 334 5.77 -18.24 -20.88
N PRO A 335 4.74 -18.83 -20.24
CA PRO A 335 4.34 -18.32 -18.92
C PRO A 335 5.39 -18.60 -17.84
N VAL A 336 5.62 -17.63 -16.95
CA VAL A 336 6.59 -17.81 -15.86
C VAL A 336 6.43 -19.15 -15.14
N LYS A 337 5.20 -19.45 -14.70
CA LYS A 337 4.85 -20.78 -14.20
C LYS A 337 5.67 -21.25 -13.00
N THR A 338 5.16 -21.00 -11.80
CA THR A 338 5.82 -21.45 -10.58
C THR A 338 5.02 -22.54 -9.90
N GLY A 369 11.53 -16.10 -26.33
CA GLY A 369 11.84 -15.16 -25.27
C GLY A 369 10.67 -14.25 -24.98
N SER A 370 10.48 -13.23 -25.81
CA SER A 370 9.31 -12.38 -25.74
C SER A 370 8.99 -11.71 -27.08
N ASP A 371 7.83 -11.07 -27.15
CA ASP A 371 7.42 -10.38 -28.37
C ASP A 371 6.81 -9.06 -27.97
N GLU A 372 6.77 -8.10 -28.89
CA GLU A 372 6.10 -6.84 -28.62
C GLU A 372 4.66 -6.95 -29.05
N VAL A 373 3.76 -6.47 -28.22
CA VAL A 373 2.34 -6.42 -28.53
C VAL A 373 1.93 -5.06 -28.04
N TRP A 374 0.87 -4.48 -28.59
CA TRP A 374 0.48 -3.18 -28.06
C TRP A 374 -0.65 -3.23 -27.04
N SER A 375 -0.40 -2.61 -25.90
CA SER A 375 -1.37 -2.60 -24.81
C SER A 375 -2.36 -1.47 -24.98
N ASP A 376 -3.58 -1.73 -24.55
CA ASP A 376 -4.68 -0.82 -24.77
C ASP A 376 -5.46 -0.70 -23.47
N SER A 377 -6.02 0.47 -23.22
CA SER A 377 -6.94 0.63 -22.10
C SER A 377 -8.29 1.17 -22.59
N GLU A 378 -8.53 1.11 -23.91
CA GLU A 378 -9.75 1.67 -24.48
C GLU A 378 -11.04 1.17 -23.82
N GLN A 379 -11.12 -0.12 -23.50
CA GLN A 379 -12.38 -0.65 -23.00
C GLN A 379 -12.65 -0.24 -21.54
N SER A 380 -11.64 -0.22 -20.70
CA SER A 380 -11.81 0.28 -19.34
C SER A 380 -12.22 1.75 -19.34
N PHE A 381 -11.83 2.47 -20.38
CA PHE A 381 -12.16 3.89 -20.46
C PHE A 381 -13.50 4.16 -21.15
N LEU A 382 -14.03 3.16 -21.84
CA LEU A 382 -15.33 3.32 -22.48
C LEU A 382 -16.46 3.21 -21.45
N ASP A 383 -16.24 2.40 -20.42
CA ASP A 383 -17.28 2.15 -19.43
C ASP A 383 -17.07 3.09 -18.25
N PRO A 384 -18.02 4.02 -18.04
CA PRO A 384 -17.93 4.95 -16.90
C PRO A 384 -17.88 4.23 -15.55
N ASP A 385 -18.36 2.99 -15.51
CA ASP A 385 -18.42 2.23 -14.27
C ASP A 385 -17.22 1.32 -14.03
N ILE A 386 -16.35 1.19 -15.02
CA ILE A 386 -15.10 0.48 -14.77
C ILE A 386 -14.21 1.37 -13.93
N GLY A 387 -13.69 0.83 -12.84
CA GLY A 387 -12.98 1.62 -11.84
C GLY A 387 -11.50 1.81 -12.09
N GLY A 388 -10.85 2.51 -11.17
CA GLY A 388 -9.45 2.83 -11.32
C GLY A 388 -9.11 4.16 -10.66
N VAL A 389 -9.51 4.30 -9.40
CA VAL A 389 -9.18 5.50 -8.64
C VAL A 389 -7.80 5.35 -8.05
N ALA A 390 -6.92 6.26 -8.45
CA ALA A 390 -5.54 6.19 -7.96
C ALA A 390 -5.17 7.41 -7.12
N VAL A 391 -4.15 7.27 -6.28
CA VAL A 391 -3.55 8.40 -5.57
C VAL A 391 -2.10 8.43 -5.97
N ALA A 392 -1.51 9.63 -5.95
CA ALA A 392 -0.10 9.79 -6.24
C ALA A 392 0.63 10.12 -4.94
N PRO A 393 1.13 9.08 -4.24
CA PRO A 393 1.80 9.30 -2.94
C PRO A 393 3.12 10.04 -3.12
N THR A 394 3.41 10.96 -2.20
CA THR A 394 4.62 11.79 -2.29
C THR A 394 5.79 11.24 -1.48
N HIS A 395 6.97 11.82 -1.71
CA HIS A 395 8.17 11.46 -0.99
C HIS A 395 7.90 11.71 0.49
N GLY A 396 8.09 10.70 1.33
CA GLY A 396 7.84 10.85 2.76
C GLY A 396 6.40 10.64 3.21
N SER A 397 5.49 10.41 2.29
CA SER A 397 4.08 10.34 2.65
C SER A 397 3.76 9.02 3.34
N ILE A 398 2.63 8.97 4.03
CA ILE A 398 2.21 7.70 4.64
C ILE A 398 0.76 7.42 4.25
N LEU A 399 0.53 6.24 3.68
CA LEU A 399 -0.78 5.83 3.20
C LEU A 399 -1.31 4.71 4.08
N ILE A 400 -2.58 4.80 4.48
CA ILE A 400 -3.22 3.80 5.34
C ILE A 400 -4.46 3.22 4.64
N GLU A 401 -4.54 1.90 4.54
CA GLU A 401 -5.67 1.26 3.85
C GLU A 401 -5.84 -0.18 4.32
N CYS A 402 -7.06 -0.68 4.31
CA CYS A 402 -7.25 -2.06 4.69
C CYS A 402 -6.98 -2.94 3.48
N ALA A 403 -5.71 -3.21 3.27
CA ALA A 403 -5.22 -3.94 2.09
C ALA A 403 -5.75 -5.37 2.03
N LYS A 404 -6.15 -5.92 3.18
CA LYS A 404 -6.72 -7.25 3.16
C LYS A 404 -8.08 -7.29 2.46
N ARG A 405 -8.87 -6.22 2.60
CA ARG A 405 -10.24 -6.24 2.07
C ARG A 405 -10.35 -5.52 0.70
N GLU A 406 -9.52 -4.51 0.49
CA GLU A 406 -9.72 -3.68 -0.69
C GLU A 406 -8.78 -4.15 -1.80
N LEU A 407 -9.34 -4.37 -2.99
CA LEU A 407 -8.53 -4.66 -4.15
C LEU A 407 -7.62 -3.46 -4.44
N HIS A 408 -6.33 -3.70 -4.61
CA HIS A 408 -5.40 -2.60 -4.88
C HIS A 408 -4.18 -3.02 -5.71
N ALA A 409 -3.48 -2.04 -6.24
CA ALA A 409 -2.41 -2.29 -7.22
C ALA A 409 -1.52 -1.06 -7.38
N THR A 410 -0.36 -1.24 -8.00
CA THR A 410 0.47 -0.11 -8.35
C THR A 410 0.79 -0.17 -9.85
N THR A 411 0.95 0.99 -10.47
CA THR A 411 1.06 1.02 -11.92
C THR A 411 2.47 0.66 -12.34
N PRO A 412 2.65 0.15 -13.56
CA PRO A 412 4.00 -0.22 -13.93
C PRO A 412 4.79 1.00 -14.37
N LEU A 413 6.09 0.99 -14.10
CA LEU A 413 6.95 2.10 -14.50
C LEU A 413 7.27 2.00 -15.99
N LYS A 414 7.56 3.14 -16.63
CA LYS A 414 7.93 3.15 -18.03
C LYS A 414 9.22 2.37 -18.22
N ASN A 415 10.19 2.62 -17.34
CA ASN A 415 11.50 1.99 -17.42
C ASN A 415 11.94 1.63 -16.02
N PRO A 416 11.43 0.50 -15.48
CA PRO A 416 11.68 0.16 -14.09
C PRO A 416 13.18 -0.03 -13.87
N ASN A 417 13.67 0.38 -12.70
CA ASN A 417 15.10 0.26 -12.41
C ASN A 417 15.35 0.24 -10.90
N ARG A 418 15.51 -0.96 -10.37
CA ARG A 418 15.59 -1.06 -8.91
C ARG A 418 16.88 -0.45 -8.35
N ASN A 419 17.87 -0.22 -9.22
CA ASN A 419 19.14 0.40 -8.80
C ASN A 419 19.09 1.91 -8.63
N HIS A 420 18.07 2.53 -9.22
CA HIS A 420 17.77 3.96 -9.08
C HIS A 420 16.25 4.14 -9.21
N PRO A 421 15.49 3.59 -8.27
CA PRO A 421 14.05 3.44 -8.51
C PRO A 421 13.28 4.76 -8.57
N THR A 422 12.23 4.79 -9.39
CA THR A 422 11.30 5.91 -9.39
C THR A 422 10.56 5.98 -8.06
N ARG A 423 10.22 4.82 -7.53
CA ARG A 423 9.48 4.77 -6.28
C ARG A 423 9.90 3.59 -5.44
N ILE A 424 10.04 3.83 -4.14
CA ILE A 424 10.26 2.76 -3.22
C ILE A 424 9.07 2.85 -2.26
N SER A 425 8.36 1.75 -2.09
CA SER A 425 7.32 1.71 -1.07
C SER A 425 7.78 0.77 0.05
N LEU A 426 7.48 1.17 1.27
CA LEU A 426 7.83 0.44 2.47
C LEU A 426 6.51 0.11 3.13
N VAL A 427 6.17 -1.17 3.12
CA VAL A 427 4.84 -1.59 3.43
C VAL A 427 4.85 -2.35 4.75
N PHE A 428 4.19 -1.77 5.75
CA PHE A 428 4.22 -2.31 7.12
C PHE A 428 2.90 -3.02 7.45
N TYR A 429 3.00 -4.24 7.95
CA TYR A 429 1.78 -5.03 8.14
C TYR A 429 1.98 -6.00 9.26
N GLN A 430 0.87 -6.59 9.72
CA GLN A 430 0.94 -7.76 10.59
C GLN A 430 0.10 -8.88 10.01
N HIS A 431 0.71 -10.05 9.86
CA HIS A 431 -0.04 -11.18 9.31
C HIS A 431 -0.96 -11.79 10.37
N LYS A 432 -1.93 -12.59 9.91
CA LYS A 432 -2.77 -13.37 10.83
C LYS A 432 -1.92 -14.36 11.62
N SER A 433 -2.46 -14.80 12.76
CA SER A 433 -1.85 -15.84 13.58
C SER A 433 -0.38 -15.64 13.90
N MET A 434 -0.01 -14.41 14.26
CA MET A 434 1.33 -14.13 14.71
C MET A 434 1.27 -13.78 16.20
N ASN A 435 0.49 -14.54 16.93
CA ASN A 435 0.21 -14.24 18.33
C ASN A 435 0.86 -15.19 19.34
N GLU A 436 1.82 -16.00 18.88
CA GLU A 436 2.49 -16.94 19.77
C GLU A 436 3.90 -16.48 20.11
N PRO A 437 4.34 -16.75 21.36
CA PRO A 437 5.69 -16.35 21.80
C PRO A 437 6.76 -17.10 21.00
N LYS A 438 7.93 -16.49 20.87
CA LYS A 438 9.08 -17.15 20.24
C LYS A 438 8.79 -17.72 18.86
N HIS A 439 8.03 -16.96 18.06
CA HIS A 439 7.70 -17.34 16.68
C HIS A 439 6.89 -18.63 16.59
N GLY A 440 6.20 -18.97 17.67
CA GLY A 440 5.38 -20.19 17.70
C GLY A 440 6.19 -21.47 17.91
N LEU A 441 7.38 -21.32 18.50
CA LEU A 441 8.27 -22.46 18.74
C LEU A 441 7.60 -23.59 19.53
N ALA A 442 6.92 -23.23 20.61
CA ALA A 442 6.31 -24.22 21.48
C ALA A 442 5.29 -25.08 20.72
N LEU A 443 4.34 -24.42 20.07
CA LEU A 443 3.30 -25.09 19.30
C LEU A 443 3.84 -26.19 18.39
N TRP A 444 4.78 -25.84 17.51
CA TRP A 444 5.30 -26.79 16.54
C TRP A 444 6.11 -27.90 17.20
N GLU A 445 6.89 -27.54 18.21
CA GLU A 445 7.67 -28.51 18.96
C GLU A 445 6.73 -29.49 19.65
N ALA A 446 5.57 -28.99 20.08
CA ALA A 446 4.57 -29.82 20.75
C ALA A 446 3.77 -30.66 19.76
N LYS A 447 3.42 -30.07 18.63
CA LYS A 447 2.65 -30.78 17.61
C LYS A 447 3.45 -31.94 17.02
N MET A 448 4.77 -31.75 16.91
CA MET A 448 5.64 -32.81 16.41
C MET A 448 5.95 -33.84 17.50
N ALA A 449 5.79 -33.43 18.75
CA ALA A 449 5.99 -34.32 19.88
C ALA A 449 4.94 -35.43 19.87
N GLU A 450 3.71 -35.08 19.52
CA GLU A 450 2.65 -36.07 19.37
C GLU A 450 2.66 -36.64 17.96
N LYS A 451 3.41 -37.72 17.78
CA LYS A 451 3.59 -38.33 16.48
C LYS A 451 4.37 -39.64 16.59
#